data_9BRH
#
_entry.id   9BRH
#
_cell.length_a   138.639
_cell.length_b   138.639
_cell.length_c   71.707
_cell.angle_alpha   90.000
_cell.angle_beta   90.000
_cell.angle_gamma   90.000
#
_symmetry.space_group_name_H-M   'P 41 21 2'
#
loop_
_entity.id
_entity.type
_entity.pdbx_description
1 polymer 'G protein-coupled receptor kinase 5'
2 non-polymer (3Z)-N-[(1R)-1-(4-fluorophenyl)ethyl]-3-({4-[(furan-3-carbonyl)amino]-3,5-dimethyl-1H-pyrrol-2-yl}methylidene)-2-oxo-3,7-dihydro-2H-indole-5-carboxamide
3 water water
#
_entity_poly.entity_id   1
_entity_poly.type   'polypeptide(L)'
_entity_poly.pdbx_seq_one_letter_code
;MELENIVANTVLLKAREGGGGKRKGKSKKWKEILKFPHISQCEDLRRTIDRDYCSLCDKQPIGRLLFRQFCETRPGLECY
IQFLDSVAEYEVTPDEKLGEKGKEIMTKYLTPKSPVFIAQVGQDLVSQTEEKLLQKPCKELFSACAQSVHEYLRGEPFHE
YLDSMFFDRFLQWKWLERQPVTKNTFRQYRVLGKGGFGEVCACQVRATGKMYACKRLEKKRIKKRKGESMALNEKQILEK
VNSQFVVNLAYAYETKDALCLVLTIMNGGDLKFHIYNMGNPGFEEERALFYAAEILCGLEDLHRENTVYRNLKPENILLD
DYGHIRISDLGLAVKIPEGDLIRGRVGTVGYMAPEVLNNQRYGLSPDYWGLGCLIYEMIEGQSPFRGRKEKVKREEVDRR
VLETEEVYSHKFSEEAKSICKMLLTKDAKQRLGCQEEGAAEVKRHPFFRNMNFKRLEAGMLDPPFVPDPRAVYCKDVLDI
EQFSTVKGVNLDHTDDDFYSKFSTGSVSIPWQNEMIETECFKELNVFGPNGTLPPDLNRNHPPEPPKKGLLQRLFKRQHQ
NNSKSSPSSKTSFNHHINSNHVSSNSTGSSVDHHHHHH
;
_entity_poly.pdbx_strand_id   A
#
loop_
_chem_comp.id
_chem_comp.type
_chem_comp.name
_chem_comp.formula
A1AQ7 non-polymer (3Z)-N-[(1R)-1-(4-fluorophenyl)ethyl]-3-({4-[(furan-3-carbonyl)amino]-3,5-dimethyl-1H-pyrrol-2-yl}methylidene)-2-oxo-3,7-dihydro-2H-indole-5-carboxamide 'C29 H25 F N4 O4'
#
# COMPACT_ATOMS: atom_id res chain seq x y z
N GLY A 25 13.77 13.09 -15.15
CA GLY A 25 13.65 14.13 -16.16
C GLY A 25 12.62 15.20 -15.80
N LYS A 26 12.92 15.98 -14.76
CA LYS A 26 12.01 17.04 -14.35
C LYS A 26 12.01 18.17 -15.38
N SER A 27 10.89 18.88 -15.45
CA SER A 27 10.76 19.96 -16.41
C SER A 27 11.88 20.99 -16.20
N LYS A 28 12.03 21.87 -17.20
CA LYS A 28 13.11 22.84 -17.14
C LYS A 28 12.90 23.86 -16.03
N LYS A 29 11.64 24.22 -15.77
CA LYS A 29 11.32 25.24 -14.77
C LYS A 29 10.41 24.63 -13.71
N TRP A 30 10.80 23.47 -13.18
CA TRP A 30 9.97 22.81 -12.18
C TRP A 30 9.93 23.62 -10.88
N LYS A 31 10.99 24.35 -10.57
CA LYS A 31 10.99 25.16 -9.36
C LYS A 31 9.95 26.28 -9.45
N GLU A 32 9.62 26.72 -10.66
CA GLU A 32 8.56 27.71 -10.84
C GLU A 32 7.18 27.07 -10.73
N ILE A 33 7.05 25.81 -11.14
CA ILE A 33 5.77 25.12 -11.05
C ILE A 33 5.44 24.80 -9.59
N LEU A 34 6.39 24.18 -8.89
CA LEU A 34 6.22 23.86 -7.47
C LEU A 34 6.58 25.02 -6.55
N LYS A 35 6.71 26.24 -7.09
CA LYS A 35 7.09 27.37 -6.26
C LYS A 35 6.10 27.55 -5.11
N PHE A 36 6.63 27.68 -3.90
CA PHE A 36 5.77 27.82 -2.73
C PHE A 36 4.91 29.07 -2.88
N PRO A 37 3.63 29.01 -2.52
CA PRO A 37 2.83 30.23 -2.42
C PRO A 37 3.05 30.92 -1.08
N HIS A 38 2.80 32.22 -1.07
CA HIS A 38 2.98 32.97 0.16
C HIS A 38 2.00 32.48 1.22
N ILE A 39 2.45 32.49 2.48
CA ILE A 39 1.64 31.94 3.56
C ILE A 39 0.27 32.62 3.66
N SER A 40 0.15 33.85 3.13
CA SER A 40 -1.15 34.51 3.13
C SER A 40 -2.15 33.84 2.20
N GLN A 41 -1.67 33.06 1.24
CA GLN A 41 -2.54 32.31 0.35
C GLN A 41 -3.11 31.06 1.03
N CYS A 42 -2.71 30.77 2.26
CA CYS A 42 -3.06 29.55 2.95
C CYS A 42 -3.93 29.80 4.18
N GLU A 43 -4.68 30.89 4.19
CA GLU A 43 -5.58 31.15 5.32
C GLU A 43 -6.82 30.26 5.25
N ASP A 44 -7.34 30.02 4.04
CA ASP A 44 -8.46 29.11 3.90
C ASP A 44 -8.07 27.69 4.27
N LEU A 45 -6.81 27.31 4.02
CA LEU A 45 -6.35 25.98 4.41
C LEU A 45 -6.13 25.86 5.91
N ARG A 46 -5.74 26.96 6.57
CA ARG A 46 -5.39 26.87 7.98
C ARG A 46 -6.54 26.36 8.82
N ARG A 47 -7.77 26.78 8.51
CA ARG A 47 -8.92 26.49 9.34
C ARG A 47 -9.76 25.32 8.83
N THR A 48 -9.56 24.89 7.59
CA THR A 48 -10.27 23.74 7.07
C THR A 48 -9.51 22.43 7.26
N ILE A 49 -8.24 22.50 7.67
CA ILE A 49 -7.45 21.29 7.87
C ILE A 49 -7.74 20.75 9.27
N ASP A 50 -8.29 19.53 9.33
CA ASP A 50 -8.48 18.86 10.60
C ASP A 50 -7.12 18.62 11.24
N ARG A 51 -6.96 19.10 12.47
CA ARG A 51 -5.69 19.00 13.20
C ARG A 51 -5.61 17.73 14.02
N ASP A 52 -6.04 16.60 13.46
CA ASP A 52 -5.84 15.32 14.11
C ASP A 52 -4.36 15.14 14.45
N TYR A 53 -4.09 14.48 15.57
CA TYR A 53 -2.74 14.36 16.08
C TYR A 53 -1.76 13.99 14.96
N CYS A 54 -1.79 12.72 14.54
CA CYS A 54 -0.80 12.21 13.61
C CYS A 54 -1.38 11.89 12.24
N SER A 55 -2.51 12.51 11.90
CA SER A 55 -2.85 12.66 10.50
C SER A 55 -1.95 13.68 9.83
N LEU A 56 -1.30 14.54 10.62
CA LEU A 56 -0.42 15.58 10.11
C LEU A 56 1.04 15.36 10.50
N CYS A 57 1.33 14.41 11.40
CA CYS A 57 2.68 14.19 11.89
C CYS A 57 3.16 12.75 11.69
N ASP A 58 2.38 11.90 11.03
CA ASP A 58 2.76 10.51 10.85
C ASP A 58 2.23 9.99 9.51
N LYS A 59 0.91 9.93 9.38
CA LYS A 59 0.30 9.42 8.15
C LYS A 59 0.78 10.20 6.94
N GLN A 60 0.44 11.50 6.88
CA GLN A 60 0.84 12.33 5.74
C GLN A 60 2.36 12.44 5.69
N PRO A 61 3.01 11.84 4.67
CA PRO A 61 4.48 11.78 4.65
C PRO A 61 5.18 13.11 4.93
N ILE A 62 4.89 14.13 4.13
CA ILE A 62 5.56 15.41 4.31
C ILE A 62 5.28 15.97 5.69
N GLY A 63 4.02 15.89 6.13
CA GLY A 63 3.68 16.35 7.47
C GLY A 63 4.54 15.68 8.53
N ARG A 64 4.77 14.38 8.40
CA ARG A 64 5.62 13.67 9.34
C ARG A 64 7.02 14.28 9.37
N LEU A 65 7.60 14.51 8.19
CA LEU A 65 8.96 15.05 8.14
C LEU A 65 9.04 16.43 8.75
N LEU A 66 8.03 17.28 8.50
CA LEU A 66 8.08 18.64 9.02
C LEU A 66 7.98 18.67 10.53
N PHE A 67 7.11 17.83 11.11
CA PHE A 67 7.06 17.73 12.57
C PHE A 67 8.37 17.17 13.11
N ARG A 68 8.87 16.10 12.49
CA ARG A 68 10.19 15.59 12.86
C ARG A 68 11.23 16.69 12.78
N GLN A 69 11.18 17.50 11.72
CA GLN A 69 12.12 18.60 11.59
C GLN A 69 11.88 19.68 12.65
N PHE A 70 10.64 19.80 13.12
CA PHE A 70 10.35 20.74 14.20
C PHE A 70 11.01 20.30 15.50
N CYS A 71 11.04 19.00 15.77
CA CYS A 71 11.70 18.51 16.98
C CYS A 71 13.22 18.60 16.88
N GLU A 72 13.78 18.62 15.67
CA GLU A 72 15.22 18.72 15.52
C GLU A 72 15.76 19.99 16.16
N THR A 73 14.94 21.04 16.23
CA THR A 73 15.39 22.31 16.78
C THR A 73 15.37 22.30 18.30
N ARG A 74 14.41 21.62 18.90
CA ARG A 74 14.28 21.62 20.35
C ARG A 74 15.26 20.62 20.96
N PRO A 75 15.89 20.96 22.09
CA PRO A 75 16.76 19.97 22.74
C PRO A 75 15.97 18.84 23.39
N GLY A 76 14.83 19.16 24.00
CA GLY A 76 14.07 18.13 24.70
C GLY A 76 13.37 17.17 23.74
N LEU A 77 12.68 17.71 22.74
CA LEU A 77 11.98 16.87 21.79
C LEU A 77 12.93 16.07 20.91
N GLU A 78 14.20 16.47 20.83
CA GLU A 78 15.16 15.78 19.98
C GLU A 78 15.23 14.30 20.32
N CYS A 79 15.51 13.98 21.58
CA CYS A 79 15.74 12.59 21.94
C CYS A 79 14.50 11.71 21.80
N TYR A 80 13.31 12.31 21.79
CA TYR A 80 12.10 11.50 21.63
C TYR A 80 11.97 10.95 20.21
N ILE A 81 12.45 11.70 19.21
CA ILE A 81 12.38 11.22 17.83
C ILE A 81 13.43 10.14 17.60
N GLN A 82 14.64 10.35 18.13
CA GLN A 82 15.69 9.35 17.97
C GLN A 82 15.28 8.02 18.60
N PHE A 83 14.56 8.08 19.71
CA PHE A 83 14.12 6.86 20.39
C PHE A 83 13.15 6.07 19.53
N LEU A 84 12.10 6.72 19.03
CA LEU A 84 11.14 6.04 18.17
C LEU A 84 11.83 5.41 16.97
N ASP A 85 12.82 6.11 16.38
CA ASP A 85 13.56 5.53 15.27
C ASP A 85 14.26 4.25 15.69
N SER A 86 14.90 4.26 16.87
CA SER A 86 15.58 3.06 17.35
C SER A 86 14.59 1.94 17.63
N VAL A 87 13.38 2.26 18.07
CA VAL A 87 12.39 1.23 18.30
C VAL A 87 11.96 0.59 16.98
N ALA A 88 11.78 1.41 15.94
CA ALA A 88 11.43 0.85 14.64
C ALA A 88 12.49 -0.15 14.16
N GLU A 89 13.76 0.12 14.47
CA GLU A 89 14.82 -0.81 14.09
C GLU A 89 14.71 -2.11 14.88
N TYR A 90 14.35 -2.02 16.16
CA TYR A 90 14.25 -3.22 16.99
C TYR A 90 13.18 -4.17 16.47
N GLU A 91 12.07 -3.62 15.94
CA GLU A 91 10.96 -4.46 15.52
C GLU A 91 11.33 -5.37 14.36
N VAL A 92 12.21 -4.91 13.47
CA VAL A 92 12.63 -5.71 12.32
C VAL A 92 13.95 -6.42 12.55
N THR A 93 14.61 -6.18 13.68
CA THR A 93 15.89 -6.79 13.93
C THR A 93 15.75 -8.31 13.94
N PRO A 94 16.73 -9.05 13.43
CA PRO A 94 16.67 -10.52 13.51
C PRO A 94 16.52 -10.99 14.95
N ASP A 95 16.04 -12.23 15.10
CA ASP A 95 15.74 -12.75 16.42
C ASP A 95 17.01 -12.90 17.26
N GLU A 96 18.02 -13.61 16.73
CA GLU A 96 19.24 -13.82 17.49
C GLU A 96 19.94 -12.52 17.86
N LYS A 97 19.53 -11.40 17.26
CA LYS A 97 20.12 -10.10 17.54
C LYS A 97 19.20 -9.17 18.32
N LEU A 98 18.10 -9.70 18.87
CA LEU A 98 17.18 -8.85 19.62
C LEU A 98 17.78 -8.43 20.96
N GLY A 99 18.20 -9.40 21.77
CA GLY A 99 18.78 -9.08 23.06
C GLY A 99 19.89 -8.06 22.98
N GLU A 100 20.62 -8.04 21.86
CA GLU A 100 21.68 -7.06 21.68
C GLU A 100 21.10 -5.67 21.43
N LYS A 101 20.27 -5.54 20.39
CA LYS A 101 19.63 -4.26 20.12
C LYS A 101 18.82 -3.78 21.31
N GLY A 102 18.23 -4.72 22.07
CA GLY A 102 17.43 -4.33 23.22
C GLY A 102 18.24 -3.57 24.25
N LYS A 103 19.39 -4.12 24.64
CA LYS A 103 20.24 -3.44 25.62
C LYS A 103 20.64 -2.06 25.12
N GLU A 104 21.10 -1.97 23.87
CA GLU A 104 21.55 -0.70 23.33
C GLU A 104 20.52 0.40 23.54
N ILE A 105 19.23 0.08 23.36
CA ILE A 105 18.20 1.10 23.43
C ILE A 105 18.07 1.64 24.86
N MET A 106 18.08 0.75 25.85
CA MET A 106 17.88 1.20 27.23
C MET A 106 19.09 1.96 27.73
N THR A 107 20.29 1.43 27.50
CA THR A 107 21.50 2.10 27.96
C THR A 107 21.72 3.45 27.29
N LYS A 108 20.99 3.75 26.20
CA LYS A 108 21.13 5.00 25.48
C LYS A 108 20.02 5.98 25.79
N TYR A 109 18.78 5.50 25.94
CA TYR A 109 17.63 6.36 26.13
C TYR A 109 16.99 6.24 27.51
N LEU A 110 17.05 5.07 28.13
CA LEU A 110 16.32 4.81 29.37
C LEU A 110 17.21 4.89 30.61
N THR A 111 18.50 5.09 30.46
CA THR A 111 19.35 5.30 31.63
C THR A 111 19.16 6.72 32.15
N PRO A 112 18.94 6.91 33.45
CA PRO A 112 18.60 8.25 33.95
C PRO A 112 19.61 9.32 33.59
N LYS A 113 20.89 8.98 33.44
CA LYS A 113 21.93 9.95 33.18
C LYS A 113 22.31 10.06 31.71
N SER A 114 21.48 9.54 30.81
CA SER A 114 21.80 9.58 29.39
C SER A 114 21.75 11.02 28.88
N PRO A 115 22.56 11.36 27.88
CA PRO A 115 22.42 12.67 27.23
C PRO A 115 21.15 12.80 26.42
N VAL A 116 20.52 11.68 26.07
CA VAL A 116 19.26 11.67 25.33
C VAL A 116 18.25 10.88 26.13
N PHE A 117 18.14 11.19 27.42
CA PHE A 117 17.26 10.44 28.32
C PHE A 117 15.81 10.81 28.08
N ILE A 118 14.96 9.80 27.90
CA ILE A 118 13.52 10.01 27.79
C ILE A 118 12.94 10.19 29.18
N ALA A 119 12.18 11.26 29.38
CA ALA A 119 11.67 11.62 30.70
C ALA A 119 10.19 11.28 30.88
N GLN A 120 9.35 11.60 29.89
CA GLN A 120 7.92 11.42 30.04
C GLN A 120 7.49 9.97 30.19
N VAL A 121 8.40 9.02 29.95
CA VAL A 121 8.17 7.63 30.30
C VAL A 121 8.51 7.48 31.78
N GLY A 122 7.50 7.29 32.62
CA GLY A 122 7.72 7.27 34.05
C GLY A 122 8.70 6.20 34.47
N GLN A 123 9.34 6.43 35.62
CA GLN A 123 10.25 5.42 36.16
C GLN A 123 9.54 4.10 36.41
N ASP A 124 8.22 4.10 36.56
CA ASP A 124 7.46 2.87 36.67
C ASP A 124 7.24 2.19 35.33
N LEU A 125 7.84 2.71 34.25
CA LEU A 125 7.81 2.05 32.95
C LEU A 125 9.19 1.77 32.40
N VAL A 126 10.23 2.45 32.87
CA VAL A 126 11.59 2.09 32.49
C VAL A 126 12.06 0.88 33.29
N SER A 127 11.63 0.76 34.55
CA SER A 127 11.90 -0.45 35.32
C SER A 127 11.07 -1.63 34.84
N GLN A 128 9.98 -1.37 34.12
CA GLN A 128 9.20 -2.45 33.51
C GLN A 128 10.00 -3.14 32.43
N THR A 129 10.44 -2.38 31.41
CA THR A 129 11.26 -2.95 30.36
C THR A 129 12.55 -3.54 30.91
N GLU A 130 13.02 -3.04 32.06
CA GLU A 130 14.16 -3.66 32.73
C GLU A 130 13.89 -5.14 32.97
N GLU A 131 12.63 -5.49 33.29
CA GLU A 131 12.26 -6.88 33.48
C GLU A 131 12.01 -7.59 32.16
N LYS A 132 11.48 -6.87 31.16
CA LYS A 132 11.27 -7.47 29.85
C LYS A 132 12.57 -7.99 29.26
N LEU A 133 13.61 -7.15 29.28
CA LEU A 133 14.91 -7.57 28.76
C LEU A 133 15.61 -8.53 29.71
N LEU A 134 15.28 -8.52 31.00
CA LEU A 134 15.79 -9.54 31.91
C LEU A 134 15.35 -10.93 31.50
N GLN A 135 14.25 -11.03 30.74
CA GLN A 135 13.76 -12.29 30.21
C GLN A 135 14.01 -12.36 28.70
N LYS A 136 13.46 -13.39 28.07
CA LYS A 136 13.54 -13.54 26.61
C LYS A 136 13.02 -12.28 25.93
N PRO A 137 13.52 -11.92 24.75
CA PRO A 137 13.06 -10.71 24.08
C PRO A 137 11.86 -10.97 23.17
N CYS A 138 10.99 -9.96 23.11
CA CYS A 138 9.85 -9.94 22.21
C CYS A 138 9.94 -8.69 21.34
N LYS A 139 9.59 -8.83 20.07
CA LYS A 139 9.71 -7.71 19.14
C LYS A 139 8.91 -6.49 19.58
N GLU A 140 7.89 -6.68 20.41
CA GLU A 140 7.07 -5.59 20.92
C GLU A 140 7.46 -5.21 22.34
N LEU A 141 8.77 -5.26 22.65
CA LEU A 141 9.22 -4.98 24.00
C LEU A 141 9.02 -3.50 24.35
N PHE A 142 9.38 -2.61 23.44
CA PHE A 142 9.30 -1.18 23.68
C PHE A 142 7.96 -0.58 23.24
N SER A 143 7.00 -1.42 22.85
CA SER A 143 5.70 -0.90 22.44
C SER A 143 5.07 -0.06 23.55
N ALA A 144 5.19 -0.53 24.80
CA ALA A 144 4.62 0.22 25.91
C ALA A 144 5.22 1.63 25.98
N CYS A 145 6.55 1.72 25.87
CA CYS A 145 7.21 3.01 26.00
C CYS A 145 6.92 3.90 24.78
N ALA A 146 6.89 3.30 23.59
CA ALA A 146 6.66 4.08 22.38
C ALA A 146 5.32 4.82 22.44
N GLN A 147 4.26 4.11 22.83
CA GLN A 147 2.96 4.77 22.98
C GLN A 147 3.04 5.90 24.00
N SER A 148 3.77 5.69 25.09
CA SER A 148 3.93 6.74 26.08
C SER A 148 4.59 7.97 25.45
N VAL A 149 5.57 7.75 24.56
CA VAL A 149 6.24 8.88 23.93
C VAL A 149 5.28 9.65 23.04
N HIS A 150 4.56 8.94 22.17
CA HIS A 150 3.59 9.61 21.32
C HIS A 150 2.54 10.34 22.14
N GLU A 151 2.11 9.73 23.25
CA GLU A 151 1.09 10.37 24.07
C GLU A 151 1.57 11.72 24.60
N TYR A 152 2.88 11.89 24.75
CA TYR A 152 3.42 13.18 25.17
C TYR A 152 3.45 14.16 24.01
N LEU A 153 3.97 13.72 22.85
CA LEU A 153 4.02 14.60 21.69
C LEU A 153 2.63 15.03 21.25
N ARG A 154 1.63 14.18 21.47
CA ARG A 154 0.26 14.54 21.08
C ARG A 154 -0.20 15.82 21.75
N GLY A 155 0.29 16.09 22.96
CA GLY A 155 -0.14 17.24 23.71
C GLY A 155 0.56 18.53 23.33
N GLU A 156 1.49 18.97 24.19
CA GLU A 156 2.11 20.28 23.96
C GLU A 156 3.03 20.27 22.75
N PRO A 157 3.94 19.30 22.58
CA PRO A 157 4.84 19.35 21.42
C PRO A 157 4.12 19.43 20.09
N PHE A 158 2.91 18.88 20.00
CA PHE A 158 2.15 18.97 18.76
C PHE A 158 1.53 20.36 18.58
N HIS A 159 0.81 20.83 19.59
CA HIS A 159 0.21 22.15 19.50
C HIS A 159 1.26 23.25 19.35
N GLU A 160 2.49 23.00 19.79
CA GLU A 160 3.57 23.95 19.53
C GLU A 160 3.93 23.95 18.04
N TYR A 161 4.13 22.77 17.46
CA TYR A 161 4.44 22.69 16.04
C TYR A 161 3.34 23.31 15.19
N LEU A 162 2.11 23.33 15.69
CA LEU A 162 1.03 23.93 14.92
C LEU A 162 1.24 25.42 14.73
N ASP A 163 1.72 26.12 15.76
CA ASP A 163 2.02 27.54 15.65
C ASP A 163 3.46 27.80 15.23
N SER A 164 4.10 26.84 14.57
CA SER A 164 5.47 26.96 14.13
C SER A 164 5.52 27.17 12.62
N MET A 165 6.68 27.68 12.14
CA MET A 165 6.85 27.92 10.72
C MET A 165 6.76 26.64 9.91
N PHE A 166 7.06 25.49 10.52
CA PHE A 166 7.00 24.23 9.77
C PHE A 166 5.57 23.89 9.40
N PHE A 167 4.62 24.16 10.30
CA PHE A 167 3.22 23.93 9.95
C PHE A 167 2.76 24.91 8.88
N ASP A 168 3.21 26.17 8.96
CA ASP A 168 2.98 27.10 7.87
C ASP A 168 3.58 26.59 6.57
N ARG A 169 4.77 25.99 6.65
CA ARG A 169 5.35 25.34 5.48
C ARG A 169 4.50 24.16 5.05
N PHE A 170 4.01 23.37 6.02
CA PHE A 170 3.14 22.26 5.69
C PHE A 170 1.91 22.72 4.91
N LEU A 171 1.37 23.89 5.26
CA LEU A 171 0.24 24.43 4.52
C LEU A 171 0.65 24.80 3.09
N GLN A 172 1.87 25.31 2.93
CA GLN A 172 2.35 25.62 1.58
C GLN A 172 2.36 24.38 0.70
N TRP A 173 2.83 23.26 1.25
CA TRP A 173 2.83 22.02 0.47
C TRP A 173 1.42 21.55 0.15
N LYS A 174 0.52 21.65 1.13
CA LYS A 174 -0.88 21.28 0.87
C LYS A 174 -1.46 22.13 -0.25
N TRP A 175 -1.13 23.43 -0.26
CA TRP A 175 -1.59 24.31 -1.33
C TRP A 175 -1.20 23.75 -2.69
N LEU A 176 0.06 23.30 -2.83
CA LEU A 176 0.51 22.71 -4.08
C LEU A 176 -0.19 21.39 -4.35
N GLU A 177 -0.38 20.58 -3.30
CA GLU A 177 -1.03 19.29 -3.47
C GLU A 177 -2.41 19.43 -4.10
N ARG A 178 -3.16 20.44 -3.67
CA ARG A 178 -4.55 20.60 -4.11
C ARG A 178 -4.68 21.20 -5.49
N GLN A 179 -3.60 21.73 -6.07
CA GLN A 179 -3.70 22.43 -7.35
C GLN A 179 -4.38 21.54 -8.39
N PRO A 180 -4.97 22.13 -9.43
CA PRO A 180 -5.64 21.31 -10.44
C PRO A 180 -4.63 20.45 -11.20
N VAL A 181 -5.05 19.23 -11.49
CA VAL A 181 -4.24 18.29 -12.27
C VAL A 181 -4.89 18.15 -13.64
N THR A 182 -4.12 18.45 -14.69
CA THR A 182 -4.62 18.43 -16.04
C THR A 182 -3.77 17.51 -16.92
N LYS A 183 -3.74 17.78 -18.22
CA LYS A 183 -2.98 16.96 -19.15
C LYS A 183 -1.54 17.43 -19.30
N ASN A 184 -1.30 18.74 -19.22
CA ASN A 184 0.06 19.25 -19.21
C ASN A 184 0.80 18.92 -17.93
N THR A 185 0.09 18.50 -16.89
CA THR A 185 0.76 18.03 -15.68
C THR A 185 1.54 16.75 -15.92
N PHE A 186 1.23 16.04 -17.00
CA PHE A 186 1.80 14.73 -17.29
C PHE A 186 2.48 14.74 -18.66
N ARG A 187 2.88 13.55 -19.12
CA ARG A 187 3.63 13.40 -20.37
C ARG A 187 3.60 11.94 -20.79
N GLN A 188 2.51 11.51 -21.43
CA GLN A 188 2.37 10.12 -21.84
C GLN A 188 3.48 9.73 -22.82
N TYR A 189 3.90 8.46 -22.74
CA TYR A 189 5.01 7.94 -23.54
C TYR A 189 4.59 6.79 -24.45
N ARG A 190 3.88 5.79 -23.93
CA ARG A 190 3.50 4.64 -24.74
C ARG A 190 2.28 3.98 -24.11
N VAL A 191 1.64 3.11 -24.89
CA VAL A 191 0.45 2.39 -24.45
C VAL A 191 0.89 0.99 -24.06
N LEU A 192 1.05 0.75 -22.76
CA LEU A 192 1.49 -0.53 -22.23
C LEU A 192 0.27 -1.34 -21.84
N GLY A 193 -0.21 -2.17 -22.76
CA GLY A 193 -1.34 -3.03 -22.47
C GLY A 193 -2.67 -2.36 -22.72
N LYS A 194 -3.66 -3.16 -23.09
CA LYS A 194 -5.01 -2.69 -23.37
C LYS A 194 -6.00 -3.66 -22.76
N GLY A 195 -7.13 -3.13 -22.31
CA GLY A 195 -8.17 -3.94 -21.70
C GLY A 195 -9.57 -3.46 -22.04
N GLY A 196 -10.47 -3.57 -21.08
CA GLY A 196 -11.85 -3.15 -21.29
C GLY A 196 -12.07 -1.70 -20.93
N PHE A 197 -13.00 -1.07 -21.63
CA PHE A 197 -13.38 0.32 -21.41
C PHE A 197 -12.23 1.29 -21.69
N GLY A 198 -11.09 0.78 -22.16
CA GLY A 198 -9.94 1.65 -22.43
C GLY A 198 -8.66 0.84 -22.51
N GLU A 199 -7.56 1.50 -22.15
CA GLU A 199 -6.24 0.87 -22.18
C GLU A 199 -5.37 1.49 -21.08
N VAL A 200 -4.13 1.01 -20.99
CA VAL A 200 -3.15 1.47 -20.02
C VAL A 200 -1.99 2.10 -20.75
N CYS A 201 -1.45 3.19 -20.20
CA CYS A 201 -0.36 3.93 -20.79
C CYS A 201 0.77 4.08 -19.76
N ALA A 202 1.87 4.68 -20.21
CA ALA A 202 3.03 4.98 -19.36
C ALA A 202 3.12 6.49 -19.23
N CYS A 203 2.71 7.01 -18.09
CA CYS A 203 2.61 8.45 -17.85
C CYS A 203 3.77 8.92 -16.98
N GLN A 204 4.16 10.18 -17.16
CA GLN A 204 5.22 10.79 -16.38
C GLN A 204 4.81 12.19 -15.95
N VAL A 205 4.93 12.48 -14.65
CA VAL A 205 4.74 13.83 -14.16
C VAL A 205 5.93 14.68 -14.61
N ARG A 206 5.64 15.83 -15.22
CA ARG A 206 6.71 16.64 -15.80
C ARG A 206 7.54 17.32 -14.71
N ALA A 207 6.89 17.99 -13.77
CA ALA A 207 7.62 18.77 -12.77
C ALA A 207 8.48 17.88 -11.89
N THR A 208 8.03 16.66 -11.62
CA THR A 208 8.78 15.73 -10.78
C THR A 208 9.57 14.71 -11.59
N GLY A 209 9.03 14.29 -12.74
CA GLY A 209 9.69 13.31 -13.57
C GLY A 209 9.34 11.87 -13.24
N LYS A 210 8.54 11.62 -12.21
CA LYS A 210 8.26 10.26 -11.80
C LYS A 210 7.38 9.56 -12.83
N MET A 211 7.65 8.27 -13.04
CA MET A 211 6.91 7.46 -13.98
C MET A 211 5.72 6.82 -13.30
N TYR A 212 4.55 6.95 -13.94
CA TYR A 212 3.32 6.32 -13.47
C TYR A 212 2.73 5.49 -14.61
N ALA A 213 1.60 4.85 -14.33
CA ALA A 213 0.87 4.06 -15.31
C ALA A 213 -0.53 4.66 -15.45
N CYS A 214 -0.75 5.40 -16.53
CA CYS A 214 -2.05 6.00 -16.78
C CYS A 214 -3.03 4.95 -17.27
N LYS A 215 -4.31 5.16 -16.96
CA LYS A 215 -5.39 4.23 -17.33
C LYS A 215 -6.41 5.06 -18.10
N ARG A 216 -6.26 5.13 -19.42
CA ARG A 216 -7.15 5.91 -20.27
C ARG A 216 -8.46 5.16 -20.42
N LEU A 217 -9.49 5.59 -19.70
CA LEU A 217 -10.83 5.04 -19.83
C LEU A 217 -11.60 5.89 -20.83
N GLU A 218 -11.85 5.35 -22.02
CA GLU A 218 -12.53 6.10 -23.06
C GLU A 218 -13.91 6.54 -22.59
N LYS A 219 -14.20 7.83 -22.76
CA LYS A 219 -15.43 8.38 -22.19
C LYS A 219 -16.67 7.82 -22.87
N LYS A 220 -16.67 7.75 -24.20
CA LYS A 220 -17.85 7.29 -24.92
C LYS A 220 -18.04 5.78 -24.84
N ARG A 221 -17.05 5.04 -24.33
CA ARG A 221 -17.24 3.61 -24.09
C ARG A 221 -17.94 3.33 -22.77
N ILE A 222 -17.85 4.26 -21.81
CA ILE A 222 -18.49 4.05 -20.52
C ILE A 222 -19.98 4.32 -20.62
N LYS A 223 -20.36 5.46 -21.21
CA LYS A 223 -21.77 5.82 -21.28
C LYS A 223 -22.54 4.80 -22.13
N LYS A 224 -21.91 4.28 -23.18
CA LYS A 224 -22.57 3.30 -24.03
C LYS A 224 -22.84 2.01 -23.25
N ARG A 225 -21.82 1.49 -22.58
CA ARG A 225 -21.97 0.26 -21.81
C ARG A 225 -22.63 0.48 -20.45
N LYS A 226 -22.96 1.73 -20.10
CA LYS A 226 -23.69 2.05 -18.88
C LYS A 226 -23.01 1.43 -17.65
N GLY A 227 -21.73 1.78 -17.47
CA GLY A 227 -20.96 1.31 -16.36
C GLY A 227 -20.34 2.42 -15.55
N GLU A 228 -21.06 3.54 -15.41
CA GLU A 228 -20.52 4.69 -14.71
C GLU A 228 -20.27 4.41 -13.24
N SER A 229 -21.12 3.58 -12.61
CA SER A 229 -20.93 3.29 -11.20
C SER A 229 -19.75 2.36 -10.97
N MET A 230 -19.46 1.47 -11.93
CA MET A 230 -18.33 0.56 -11.78
C MET A 230 -17.00 1.30 -11.88
N ALA A 231 -16.94 2.35 -12.69
CA ALA A 231 -15.71 3.13 -12.80
C ALA A 231 -15.43 3.87 -11.50
N LEU A 232 -16.41 4.60 -10.98
CA LEU A 232 -16.24 5.29 -9.71
C LEU A 232 -15.85 4.31 -8.61
N ASN A 233 -16.54 3.16 -8.55
CA ASN A 233 -16.30 2.21 -7.47
C ASN A 233 -14.83 1.84 -7.38
N GLU A 234 -14.19 1.54 -8.51
CA GLU A 234 -12.77 1.21 -8.50
C GLU A 234 -11.93 2.43 -8.14
N LYS A 235 -12.32 3.61 -8.62
CA LYS A 235 -11.52 4.80 -8.35
C LYS A 235 -11.56 5.18 -6.89
N GLN A 236 -12.72 5.00 -6.24
CA GLN A 236 -12.82 5.31 -4.82
C GLN A 236 -12.06 4.28 -3.99
N ILE A 237 -12.13 3.01 -4.38
CA ILE A 237 -11.44 1.96 -3.63
C ILE A 237 -9.93 2.15 -3.73
N LEU A 238 -9.44 2.52 -4.90
CA LEU A 238 -8.00 2.67 -5.09
C LEU A 238 -7.44 3.82 -4.27
N GLU A 239 -8.17 4.94 -4.19
CA GLU A 239 -7.69 6.08 -3.43
C GLU A 239 -7.78 5.83 -1.93
N LYS A 240 -8.78 5.06 -1.49
CA LYS A 240 -8.96 4.86 -0.06
C LYS A 240 -7.89 3.95 0.52
N VAL A 241 -7.36 3.03 -0.28
CA VAL A 241 -6.41 2.03 0.18
C VAL A 241 -5.03 2.38 -0.37
N ASN A 242 -4.05 2.44 0.51
CA ASN A 242 -2.64 2.52 0.14
C ASN A 242 -1.94 1.29 0.70
N SER A 243 -0.88 0.85 0.01
CA SER A 243 -0.17 -0.35 0.43
C SER A 243 1.06 -0.52 -0.44
N GLN A 244 1.99 -1.34 0.07
CA GLN A 244 3.16 -1.75 -0.69
C GLN A 244 2.88 -2.99 -1.54
N PHE A 245 1.63 -3.47 -1.55
CA PHE A 245 1.30 -4.70 -2.28
C PHE A 245 0.03 -4.55 -3.10
N VAL A 246 -0.42 -3.32 -3.36
CA VAL A 246 -1.56 -3.07 -4.23
C VAL A 246 -1.31 -1.76 -4.95
N VAL A 247 -1.64 -1.72 -6.25
CA VAL A 247 -1.40 -0.51 -7.03
C VAL A 247 -2.10 0.67 -6.37
N ASN A 248 -1.39 1.78 -6.23
CA ASN A 248 -1.90 2.98 -5.60
C ASN A 248 -2.34 4.00 -6.64
N LEU A 249 -3.38 4.77 -6.30
CA LEU A 249 -3.87 5.84 -7.15
C LEU A 249 -3.26 7.16 -6.68
N ALA A 250 -2.54 7.83 -7.57
CA ALA A 250 -1.92 9.11 -7.28
C ALA A 250 -2.66 10.29 -7.89
N TYR A 251 -3.34 10.09 -9.02
CA TYR A 251 -4.11 11.14 -9.63
C TYR A 251 -5.33 10.54 -10.31
N ALA A 252 -6.36 11.37 -10.48
CA ALA A 252 -7.56 10.98 -11.21
C ALA A 252 -8.11 12.26 -11.84
N TYR A 253 -7.97 12.39 -13.16
CA TYR A 253 -8.41 13.58 -13.87
C TYR A 253 -9.20 13.17 -15.11
N GLU A 254 -10.08 14.06 -15.53
CA GLU A 254 -10.89 13.87 -16.73
C GLU A 254 -10.27 14.63 -17.90
N THR A 255 -10.47 14.11 -19.10
CA THR A 255 -9.93 14.74 -20.30
C THR A 255 -10.92 14.55 -21.45
N LYS A 256 -10.60 15.18 -22.58
CA LYS A 256 -11.38 14.97 -23.78
C LYS A 256 -11.37 13.50 -24.18
N ASP A 257 -12.56 12.93 -24.36
CA ASP A 257 -12.80 11.59 -24.87
C ASP A 257 -12.29 10.47 -23.95
N ALA A 258 -11.73 10.79 -22.79
CA ALA A 258 -11.23 9.75 -21.91
C ALA A 258 -11.27 10.23 -20.46
N LEU A 259 -11.14 9.26 -19.55
CA LEU A 259 -10.97 9.49 -18.12
C LEU A 259 -9.75 8.71 -17.66
N CYS A 260 -8.88 9.35 -16.89
CA CYS A 260 -7.57 8.79 -16.58
C CYS A 260 -7.44 8.43 -15.11
N LEU A 261 -6.75 7.32 -14.86
CA LEU A 261 -6.29 6.93 -13.53
C LEU A 261 -4.78 6.78 -13.59
N VAL A 262 -4.07 7.51 -12.73
CA VAL A 262 -2.62 7.45 -12.66
C VAL A 262 -2.27 6.48 -11.55
N LEU A 263 -1.71 5.33 -11.92
CA LEU A 263 -1.45 4.23 -10.99
C LEU A 263 0.04 3.92 -10.93
N THR A 264 0.39 2.97 -10.07
CA THR A 264 1.77 2.55 -9.91
C THR A 264 2.26 1.83 -11.17
N ILE A 265 3.50 2.09 -11.55
CA ILE A 265 4.11 1.47 -12.73
C ILE A 265 4.78 0.17 -12.29
N MET A 266 4.49 -0.91 -13.01
CA MET A 266 5.00 -2.24 -12.70
C MET A 266 5.70 -2.80 -13.93
N ASN A 267 7.03 -2.76 -13.93
CA ASN A 267 7.82 -3.13 -15.09
C ASN A 267 8.36 -4.55 -15.04
N GLY A 268 8.05 -5.30 -13.99
CA GLY A 268 8.55 -6.65 -13.84
C GLY A 268 7.67 -7.74 -14.40
N GLY A 269 6.68 -7.40 -15.22
CA GLY A 269 5.78 -8.40 -15.77
C GLY A 269 4.85 -8.97 -14.71
N ASP A 270 4.00 -9.89 -15.15
CA ASP A 270 3.01 -10.50 -14.28
C ASP A 270 3.50 -11.86 -13.80
N LEU A 271 2.77 -12.40 -12.81
CA LEU A 271 3.15 -13.67 -12.20
C LEU A 271 2.82 -14.86 -13.09
N LYS A 272 1.80 -14.73 -13.94
CA LYS A 272 1.51 -15.78 -14.91
C LYS A 272 2.71 -16.03 -15.82
N PHE A 273 3.39 -14.96 -16.23
CA PHE A 273 4.52 -15.11 -17.15
C PHE A 273 5.67 -15.86 -16.47
N HIS A 274 6.02 -15.46 -15.24
CA HIS A 274 7.16 -16.05 -14.57
C HIS A 274 6.91 -17.49 -14.13
N ILE A 275 5.64 -17.89 -13.96
CA ILE A 275 5.37 -19.26 -13.56
C ILE A 275 5.61 -20.22 -14.72
N TYR A 276 5.19 -19.86 -15.92
CA TYR A 276 5.21 -20.76 -17.06
C TYR A 276 6.29 -20.49 -18.08
N ASN A 277 6.70 -19.23 -18.27
CA ASN A 277 7.75 -18.93 -19.24
C ASN A 277 9.14 -18.97 -18.62
N MET A 278 9.29 -18.52 -17.36
CA MET A 278 10.59 -18.44 -16.70
C MET A 278 10.50 -19.15 -15.34
N GLY A 279 10.33 -20.45 -15.39
CA GLY A 279 10.41 -21.27 -14.20
C GLY A 279 10.67 -22.69 -14.61
N ASN A 280 10.36 -23.62 -13.70
CA ASN A 280 10.16 -25.01 -14.10
C ASN A 280 9.03 -24.94 -15.11
N PRO A 281 7.87 -25.46 -14.80
CA PRO A 281 6.64 -24.71 -15.13
C PRO A 281 6.08 -24.18 -13.82
N GLY A 282 6.95 -23.67 -12.96
CA GLY A 282 6.55 -23.24 -11.64
C GLY A 282 7.72 -22.65 -10.88
N PHE A 283 7.54 -22.53 -9.57
CA PHE A 283 8.53 -21.97 -8.68
C PHE A 283 8.91 -23.00 -7.61
N GLU A 284 10.01 -22.71 -6.91
CA GLU A 284 10.29 -23.45 -5.69
C GLU A 284 9.27 -23.07 -4.62
N GLU A 285 9.17 -23.91 -3.58
CA GLU A 285 8.27 -23.59 -2.48
C GLU A 285 8.69 -22.28 -1.80
N GLU A 286 9.99 -22.12 -1.54
CA GLU A 286 10.46 -20.91 -0.87
C GLU A 286 10.21 -19.67 -1.71
N ARG A 287 10.35 -19.79 -3.03
CA ARG A 287 10.06 -18.65 -3.89
C ARG A 287 8.57 -18.31 -3.88
N ALA A 288 7.72 -19.32 -4.02
CA ALA A 288 6.29 -19.08 -3.92
C ALA A 288 5.93 -18.53 -2.54
N LEU A 289 6.63 -18.96 -1.49
CA LEU A 289 6.36 -18.45 -0.16
C LEU A 289 6.49 -16.94 -0.11
N PHE A 290 7.52 -16.38 -0.74
CA PHE A 290 7.70 -14.94 -0.75
C PHE A 290 6.51 -14.26 -1.41
N TYR A 291 6.24 -14.60 -2.68
CA TYR A 291 5.13 -13.97 -3.39
C TYR A 291 3.82 -14.17 -2.64
N ALA A 292 3.61 -15.35 -2.05
CA ALA A 292 2.39 -15.59 -1.29
C ALA A 292 2.31 -14.64 -0.09
N ALA A 293 3.41 -14.51 0.65
CA ALA A 293 3.41 -13.66 1.83
C ALA A 293 3.06 -12.22 1.48
N GLU A 294 3.54 -11.75 0.33
CA GLU A 294 3.24 -10.38 -0.08
C GLU A 294 1.80 -10.25 -0.58
N ILE A 295 1.30 -11.26 -1.29
CA ILE A 295 -0.08 -11.22 -1.76
C ILE A 295 -1.04 -11.23 -0.58
N LEU A 296 -0.71 -12.00 0.47
CA LEU A 296 -1.55 -12.05 1.65
C LEU A 296 -1.65 -10.67 2.30
N CYS A 297 -0.52 -9.96 2.42
CA CYS A 297 -0.57 -8.59 2.93
C CYS A 297 -1.42 -7.71 2.03
N GLY A 298 -1.27 -7.85 0.71
CA GLY A 298 -2.10 -7.09 -0.21
C GLY A 298 -3.58 -7.29 0.04
N LEU A 299 -3.97 -8.53 0.35
CA LEU A 299 -5.37 -8.80 0.65
C LEU A 299 -5.77 -8.27 2.02
N GLU A 300 -4.85 -8.29 2.98
CA GLU A 300 -5.16 -7.79 4.31
C GLU A 300 -5.50 -6.31 4.26
N ASP A 301 -4.71 -5.52 3.51
CA ASP A 301 -4.96 -4.08 3.42
C ASP A 301 -6.29 -3.81 2.74
N LEU A 302 -6.68 -4.64 1.77
CA LEU A 302 -7.97 -4.44 1.11
C LEU A 302 -9.13 -4.86 2.01
N HIS A 303 -8.88 -5.76 2.95
CA HIS A 303 -9.92 -6.14 3.91
C HIS A 303 -10.05 -5.14 5.05
N ARG A 304 -9.00 -4.35 5.32
CA ARG A 304 -9.12 -3.30 6.33
C ARG A 304 -10.18 -2.28 5.94
N GLU A 305 -10.44 -2.12 4.63
CA GLU A 305 -11.56 -1.33 4.16
C GLU A 305 -12.76 -2.20 3.83
N ASN A 306 -12.80 -3.42 4.36
CA ASN A 306 -13.90 -4.35 4.12
C ASN A 306 -14.24 -4.44 2.64
N THR A 307 -13.20 -4.44 1.81
CA THR A 307 -13.34 -4.53 0.36
C THR A 307 -12.85 -5.89 -0.10
N VAL A 308 -13.62 -6.52 -1.00
CA VAL A 308 -13.29 -7.84 -1.53
C VAL A 308 -12.79 -7.69 -2.96
N TYR A 309 -11.71 -8.41 -3.28
CA TYR A 309 -11.03 -8.26 -4.57
C TYR A 309 -11.73 -9.06 -5.66
N ARG A 310 -11.90 -10.36 -5.45
CA ARG A 310 -12.69 -11.26 -6.29
C ARG A 310 -12.07 -11.53 -7.66
N ASN A 311 -10.84 -11.08 -7.90
CA ASN A 311 -10.23 -11.24 -9.21
C ASN A 311 -8.78 -11.66 -9.05
N LEU A 312 -8.55 -12.65 -8.20
CA LEU A 312 -7.19 -13.10 -7.85
C LEU A 312 -6.78 -14.20 -8.82
N LYS A 313 -5.93 -13.86 -9.78
CA LYS A 313 -5.37 -14.82 -10.72
C LYS A 313 -3.95 -14.38 -11.07
N PRO A 314 -3.13 -15.29 -11.60
CA PRO A 314 -1.69 -14.99 -11.74
C PRO A 314 -1.38 -13.79 -12.62
N GLU A 315 -2.14 -13.57 -13.69
CA GLU A 315 -1.83 -12.46 -14.57
C GLU A 315 -2.17 -11.11 -13.97
N ASN A 316 -2.85 -11.08 -12.81
CA ASN A 316 -3.14 -9.82 -12.13
C ASN A 316 -2.12 -9.49 -11.04
N ILE A 317 -1.19 -10.40 -10.76
CA ILE A 317 -0.12 -10.16 -9.78
C ILE A 317 1.09 -9.67 -10.57
N LEU A 318 1.32 -8.37 -10.53
CA LEU A 318 2.43 -7.77 -11.26
C LEU A 318 3.67 -7.68 -10.39
N LEU A 319 4.83 -7.57 -11.05
CA LEU A 319 6.10 -7.37 -10.39
C LEU A 319 6.64 -5.99 -10.74
N ASP A 320 7.28 -5.35 -9.76
CA ASP A 320 7.88 -4.05 -9.98
C ASP A 320 9.36 -4.24 -10.32
N ASP A 321 10.12 -3.15 -10.32
CA ASP A 321 11.51 -3.22 -10.77
C ASP A 321 12.40 -3.91 -9.75
N TYR A 322 12.03 -3.90 -8.47
CA TYR A 322 12.86 -4.46 -7.41
C TYR A 322 12.66 -5.95 -7.21
N GLY A 323 11.57 -6.51 -7.71
CA GLY A 323 11.24 -7.91 -7.54
C GLY A 323 10.04 -8.17 -6.68
N HIS A 324 9.46 -7.13 -6.08
CA HIS A 324 8.27 -7.26 -5.26
C HIS A 324 7.02 -7.27 -6.12
N ILE A 325 5.88 -7.60 -5.49
CA ILE A 325 4.65 -7.81 -6.22
C ILE A 325 3.58 -6.86 -5.71
N ARG A 326 2.60 -6.59 -6.57
CA ARG A 326 1.42 -5.82 -6.22
C ARG A 326 0.22 -6.44 -6.91
N ILE A 327 -0.96 -6.21 -6.34
CA ILE A 327 -2.20 -6.64 -6.94
C ILE A 327 -2.72 -5.51 -7.81
N SER A 328 -3.37 -5.87 -8.92
CA SER A 328 -3.85 -4.89 -9.88
C SER A 328 -5.25 -5.29 -10.33
N ASP A 329 -5.81 -4.49 -11.24
CA ASP A 329 -7.11 -4.74 -11.86
C ASP A 329 -8.20 -4.92 -10.79
N LEU A 330 -8.43 -3.83 -10.06
CA LEU A 330 -9.45 -3.80 -9.03
C LEU A 330 -10.83 -3.47 -9.60
N GLY A 331 -11.01 -3.58 -10.91
CA GLY A 331 -12.29 -3.28 -11.50
C GLY A 331 -13.42 -4.11 -10.93
N LEU A 332 -13.12 -5.33 -10.52
CA LEU A 332 -14.12 -6.22 -9.93
C LEU A 332 -14.20 -6.09 -8.41
N ALA A 333 -13.46 -5.17 -7.81
CA ALA A 333 -13.51 -4.99 -6.37
C ALA A 333 -14.73 -4.17 -5.97
N VAL A 334 -15.27 -4.48 -4.79
CA VAL A 334 -16.42 -3.79 -4.25
C VAL A 334 -16.26 -3.67 -2.74
N LYS A 335 -16.69 -2.53 -2.19
CA LYS A 335 -16.58 -2.27 -0.76
C LYS A 335 -17.81 -2.86 -0.07
N ILE A 336 -17.60 -3.94 0.69
CA ILE A 336 -18.72 -4.64 1.34
C ILE A 336 -19.17 -3.82 2.54
N PRO A 337 -20.47 -3.57 2.70
CA PRO A 337 -20.95 -2.91 3.93
C PRO A 337 -20.72 -3.80 5.14
N GLU A 338 -20.19 -3.21 6.22
CA GLU A 338 -19.93 -3.96 7.43
C GLU A 338 -21.20 -4.69 7.87
N GLY A 339 -21.05 -5.96 8.22
CA GLY A 339 -22.19 -6.76 8.64
C GLY A 339 -23.16 -7.12 7.54
N ASP A 340 -22.78 -6.93 6.28
CA ASP A 340 -23.65 -7.25 5.15
C ASP A 340 -22.85 -8.06 4.14
N LEU A 341 -23.55 -8.94 3.41
CA LEU A 341 -22.94 -9.80 2.42
C LEU A 341 -23.42 -9.42 1.03
N ILE A 342 -22.52 -9.55 0.05
CA ILE A 342 -22.82 -9.24 -1.33
C ILE A 342 -23.12 -10.54 -2.07
N ARG A 343 -23.77 -10.39 -3.22
CA ARG A 343 -24.07 -11.51 -4.11
C ARG A 343 -23.60 -11.15 -5.51
N GLY A 344 -22.94 -12.09 -6.17
CA GLY A 344 -22.47 -11.87 -7.53
C GLY A 344 -21.67 -13.04 -8.06
N ARG A 345 -21.75 -13.28 -9.38
CA ARG A 345 -21.03 -14.37 -10.01
C ARG A 345 -20.01 -13.84 -11.00
N VAL A 346 -19.04 -13.05 -10.51
CA VAL A 346 -18.03 -12.46 -11.36
C VAL A 346 -16.72 -13.22 -11.17
N GLY A 347 -15.76 -12.96 -12.05
CA GLY A 347 -14.44 -13.53 -11.98
C GLY A 347 -14.06 -14.19 -13.29
N THR A 348 -12.99 -14.99 -13.24
CA THR A 348 -12.49 -15.74 -14.38
C THR A 348 -12.67 -17.23 -14.13
N VAL A 349 -12.91 -17.98 -15.21
CA VAL A 349 -13.13 -19.42 -15.08
C VAL A 349 -11.96 -20.04 -14.33
N GLY A 350 -12.28 -20.95 -13.41
CA GLY A 350 -11.29 -21.66 -12.62
C GLY A 350 -10.90 -20.97 -11.33
N TYR A 351 -10.97 -19.64 -11.29
CA TYR A 351 -10.57 -18.89 -10.10
C TYR A 351 -11.76 -18.36 -9.32
N MET A 352 -12.94 -18.92 -9.54
CA MET A 352 -14.15 -18.54 -8.81
C MET A 352 -14.37 -19.53 -7.68
N ALA A 353 -14.52 -19.01 -6.45
CA ALA A 353 -14.78 -19.86 -5.31
C ALA A 353 -16.13 -20.55 -5.49
N PRO A 354 -16.31 -21.71 -4.84
CA PRO A 354 -17.61 -22.40 -5.00
C PRO A 354 -18.80 -21.56 -4.60
N GLU A 355 -18.67 -20.73 -3.56
CA GLU A 355 -19.79 -19.89 -3.15
C GLU A 355 -20.12 -18.84 -4.20
N VAL A 356 -19.13 -18.41 -4.98
CA VAL A 356 -19.38 -17.44 -6.04
C VAL A 356 -20.01 -18.14 -7.24
N LEU A 357 -19.56 -19.34 -7.57
CA LEU A 357 -20.19 -20.10 -8.64
C LEU A 357 -21.65 -20.39 -8.33
N ASN A 358 -21.95 -20.65 -7.04
CA ASN A 358 -23.31 -20.90 -6.61
C ASN A 358 -24.15 -19.63 -6.55
N ASN A 359 -23.53 -18.46 -6.68
CA ASN A 359 -24.25 -17.19 -6.66
C ASN A 359 -24.92 -16.95 -5.31
N GLN A 360 -24.16 -17.17 -4.25
CA GLN A 360 -24.65 -17.02 -2.89
C GLN A 360 -24.15 -15.71 -2.30
N ARG A 361 -24.71 -15.36 -1.15
CA ARG A 361 -24.25 -14.19 -0.39
C ARG A 361 -22.93 -14.55 0.27
N TYR A 362 -21.84 -13.94 -0.20
CA TYR A 362 -20.52 -14.19 0.33
C TYR A 362 -19.89 -12.89 0.80
N GLY A 363 -18.74 -13.01 1.45
CA GLY A 363 -18.03 -11.86 1.96
C GLY A 363 -16.64 -11.74 1.38
N LEU A 364 -15.62 -11.76 2.24
CA LEU A 364 -14.24 -11.70 1.80
C LEU A 364 -13.66 -13.08 1.49
N SER A 365 -14.46 -14.14 1.58
CA SER A 365 -13.96 -15.49 1.46
C SER A 365 -13.39 -15.79 0.07
N PRO A 366 -14.00 -15.29 -1.01
CA PRO A 366 -13.46 -15.62 -2.34
C PRO A 366 -11.99 -15.31 -2.50
N ASP A 367 -11.48 -14.30 -1.79
CA ASP A 367 -10.08 -13.93 -1.92
C ASP A 367 -9.17 -15.00 -1.31
N TYR A 368 -9.58 -15.58 -0.17
CA TYR A 368 -8.80 -16.66 0.42
C TYR A 368 -8.86 -17.92 -0.41
N TRP A 369 -9.98 -18.16 -1.11
CA TRP A 369 -10.01 -19.22 -2.09
C TRP A 369 -9.05 -18.93 -3.23
N GLY A 370 -9.04 -17.68 -3.72
CA GLY A 370 -8.10 -17.31 -4.75
C GLY A 370 -6.66 -17.46 -4.31
N LEU A 371 -6.35 -17.02 -3.09
CA LEU A 371 -5.00 -17.19 -2.56
C LEU A 371 -4.60 -18.67 -2.55
N GLY A 372 -5.55 -19.56 -2.28
CA GLY A 372 -5.26 -20.98 -2.36
C GLY A 372 -4.93 -21.42 -3.77
N CYS A 373 -5.68 -20.92 -4.76
CA CYS A 373 -5.37 -21.22 -6.15
C CYS A 373 -3.98 -20.72 -6.51
N LEU A 374 -3.59 -19.55 -5.99
CA LEU A 374 -2.30 -18.97 -6.35
C LEU A 374 -1.14 -19.80 -5.79
N ILE A 375 -1.15 -20.06 -4.48
CA ILE A 375 -0.07 -20.82 -3.88
C ILE A 375 0.09 -22.17 -4.56
N TYR A 376 -1.02 -22.86 -4.81
CA TYR A 376 -0.95 -24.15 -5.48
C TYR A 376 -0.33 -24.02 -6.86
N GLU A 377 -0.87 -23.11 -7.68
CA GLU A 377 -0.43 -23.00 -9.06
C GLU A 377 1.01 -22.53 -9.16
N MET A 378 1.53 -21.85 -8.15
CA MET A 378 2.94 -21.44 -8.18
C MET A 378 3.85 -22.64 -7.93
N ILE A 379 3.51 -23.47 -6.95
CA ILE A 379 4.37 -24.59 -6.60
C ILE A 379 4.27 -25.71 -7.62
N GLU A 380 3.04 -26.12 -7.94
CA GLU A 380 2.88 -27.28 -8.82
C GLU A 380 3.11 -26.90 -10.28
N GLY A 381 2.62 -25.75 -10.71
CA GLY A 381 2.75 -25.32 -12.09
C GLY A 381 1.50 -25.50 -12.92
N GLN A 382 0.33 -25.64 -12.28
CA GLN A 382 -0.92 -25.79 -13.00
C GLN A 382 -2.07 -25.48 -12.06
N SER A 383 -3.23 -25.20 -12.63
CA SER A 383 -4.41 -24.94 -11.81
C SER A 383 -4.75 -26.20 -11.03
N PRO A 384 -5.17 -26.06 -9.77
CA PRO A 384 -5.51 -27.26 -8.97
C PRO A 384 -6.69 -28.04 -9.51
N PHE A 385 -7.47 -27.48 -10.43
CA PHE A 385 -8.64 -28.17 -10.99
C PHE A 385 -8.55 -28.34 -12.49
N ARG A 386 -7.47 -27.91 -13.14
CA ARG A 386 -7.27 -28.13 -14.56
C ARG A 386 -5.79 -28.30 -14.82
N GLY A 387 -5.41 -29.44 -15.38
CA GLY A 387 -4.03 -29.66 -15.73
C GLY A 387 -3.53 -28.69 -16.79
N ARG A 388 -2.22 -28.50 -16.79
CA ARG A 388 -1.61 -27.59 -17.77
C ARG A 388 -1.74 -28.14 -19.18
N LYS A 389 -1.84 -29.46 -19.32
CA LYS A 389 -2.00 -30.11 -20.61
C LYS A 389 -3.41 -30.64 -20.82
N GLU A 390 -4.33 -30.35 -19.90
CA GLU A 390 -5.69 -30.85 -19.99
C GLU A 390 -6.57 -29.83 -20.71
N LYS A 391 -7.47 -30.34 -21.56
CA LYS A 391 -8.41 -29.51 -22.31
C LYS A 391 -9.81 -29.92 -21.89
N VAL A 392 -10.43 -29.11 -21.04
CA VAL A 392 -11.75 -29.39 -20.48
C VAL A 392 -12.64 -28.18 -20.68
N LYS A 393 -13.95 -28.41 -20.56
CA LYS A 393 -14.95 -27.38 -20.79
C LYS A 393 -15.24 -26.62 -19.52
N ARG A 394 -15.76 -25.41 -19.68
CA ARG A 394 -16.09 -24.57 -18.53
C ARG A 394 -16.95 -25.32 -17.52
N GLU A 395 -17.85 -26.18 -18.01
CA GLU A 395 -18.74 -26.90 -17.11
C GLU A 395 -17.96 -27.87 -16.22
N GLU A 396 -16.98 -28.56 -16.78
CA GLU A 396 -16.23 -29.55 -16.02
C GLU A 396 -15.30 -28.88 -15.02
N VAL A 397 -14.66 -27.77 -15.42
CA VAL A 397 -13.80 -27.05 -14.47
C VAL A 397 -14.61 -26.60 -13.27
N ASP A 398 -15.87 -26.24 -13.48
CA ASP A 398 -16.70 -25.74 -12.39
C ASP A 398 -17.14 -26.88 -11.48
N ARG A 399 -17.42 -28.05 -12.04
CA ARG A 399 -17.84 -29.18 -11.22
C ARG A 399 -16.72 -29.62 -10.28
N ARG A 400 -15.47 -29.56 -10.74
CA ARG A 400 -14.36 -29.96 -9.90
C ARG A 400 -14.18 -28.99 -8.73
N VAL A 401 -14.41 -27.70 -8.97
CA VAL A 401 -14.32 -26.72 -7.90
C VAL A 401 -15.33 -27.00 -6.80
N LEU A 402 -16.43 -27.68 -7.14
CA LEU A 402 -17.52 -27.93 -6.18
C LEU A 402 -17.60 -29.38 -5.72
N GLU A 403 -17.14 -30.33 -6.53
CA GLU A 403 -17.30 -31.73 -6.22
C GLU A 403 -15.98 -32.49 -6.11
N THR A 404 -14.87 -31.92 -6.56
CA THR A 404 -13.59 -32.62 -6.60
C THR A 404 -12.64 -32.08 -5.55
N GLU A 405 -11.86 -32.97 -4.96
CA GLU A 405 -10.83 -32.61 -3.99
C GLU A 405 -9.48 -32.60 -4.71
N GLU A 406 -8.78 -31.47 -4.64
CA GLU A 406 -7.49 -31.36 -5.31
C GLU A 406 -6.51 -32.39 -4.74
N VAL A 407 -5.51 -32.72 -5.55
CA VAL A 407 -4.46 -33.64 -5.16
C VAL A 407 -3.14 -32.88 -5.20
N TYR A 408 -2.22 -33.30 -4.33
CA TYR A 408 -0.92 -32.67 -4.20
C TYR A 408 0.19 -33.63 -4.58
N SER A 409 1.42 -33.12 -4.60
CA SER A 409 2.58 -33.90 -5.01
C SER A 409 3.75 -33.70 -4.05
N HIS A 410 4.93 -34.20 -4.43
CA HIS A 410 6.14 -34.05 -3.63
C HIS A 410 6.76 -32.67 -3.74
N LYS A 411 6.16 -31.75 -4.49
CA LYS A 411 6.60 -30.37 -4.50
C LYS A 411 6.09 -29.60 -3.30
N PHE A 412 5.00 -30.05 -2.68
CA PHE A 412 4.42 -29.41 -1.51
C PHE A 412 4.99 -30.05 -0.25
N SER A 413 5.59 -29.22 0.61
CA SER A 413 5.92 -29.68 1.95
C SER A 413 4.62 -29.90 2.74
N GLU A 414 4.72 -30.69 3.80
CA GLU A 414 3.52 -30.97 4.60
C GLU A 414 2.89 -29.68 5.09
N GLU A 415 3.67 -28.60 5.22
CA GLU A 415 3.10 -27.30 5.56
C GLU A 415 2.48 -26.63 4.34
N ALA A 416 3.00 -26.91 3.14
CA ALA A 416 2.45 -26.33 1.93
C ALA A 416 1.14 -26.99 1.54
N LYS A 417 1.03 -28.31 1.76
CA LYS A 417 -0.23 -28.99 1.50
C LYS A 417 -1.33 -28.45 2.40
N SER A 418 -1.03 -28.27 3.69
CA SER A 418 -2.05 -27.89 4.66
C SER A 418 -2.67 -26.55 4.29
N ILE A 419 -1.85 -25.54 4.05
CA ILE A 419 -2.38 -24.21 3.80
C ILE A 419 -3.21 -24.20 2.53
N CYS A 420 -2.81 -24.98 1.52
CA CYS A 420 -3.54 -24.96 0.25
C CYS A 420 -4.93 -25.58 0.38
N LYS A 421 -5.03 -26.73 1.04
CA LYS A 421 -6.33 -27.36 1.21
C LYS A 421 -7.19 -26.59 2.22
N MET A 422 -6.57 -25.98 3.23
CA MET A 422 -7.33 -25.14 4.15
C MET A 422 -7.90 -23.93 3.43
N LEU A 423 -7.10 -23.31 2.55
CA LEU A 423 -7.59 -22.18 1.78
C LEU A 423 -8.52 -22.61 0.66
N LEU A 424 -8.39 -23.85 0.18
CA LEU A 424 -9.25 -24.39 -0.86
C LEU A 424 -10.43 -25.16 -0.30
N THR A 425 -10.79 -24.91 0.96
CA THR A 425 -11.96 -25.54 1.55
C THR A 425 -13.21 -25.12 0.79
N LYS A 426 -14.05 -26.11 0.43
CA LYS A 426 -15.27 -25.82 -0.31
C LYS A 426 -16.20 -24.92 0.50
N ASP A 427 -16.44 -25.29 1.76
CA ASP A 427 -17.35 -24.54 2.63
C ASP A 427 -16.62 -23.31 3.14
N ALA A 428 -17.05 -22.12 2.68
CA ALA A 428 -16.41 -20.88 3.07
C ALA A 428 -16.49 -20.61 4.57
N LYS A 429 -17.26 -21.40 5.32
CA LYS A 429 -17.34 -21.20 6.76
C LYS A 429 -16.14 -21.82 7.48
N GLN A 430 -15.54 -22.86 6.92
CA GLN A 430 -14.36 -23.50 7.50
C GLN A 430 -13.08 -23.16 6.73
N ARG A 431 -13.12 -22.14 5.89
CA ARG A 431 -11.97 -21.77 5.09
C ARG A 431 -11.03 -20.88 5.89
N LEU A 432 -9.73 -21.06 5.70
CA LEU A 432 -8.75 -20.30 6.46
C LEU A 432 -8.92 -18.80 6.20
N GLY A 433 -8.66 -18.01 7.25
CA GLY A 433 -8.81 -16.58 7.17
C GLY A 433 -10.22 -16.07 7.13
N CYS A 434 -11.21 -16.94 6.93
CA CYS A 434 -12.61 -16.53 6.89
C CYS A 434 -13.26 -16.54 8.26
N GLN A 435 -12.50 -16.30 9.32
CA GLN A 435 -12.99 -16.24 10.68
C GLN A 435 -12.90 -14.80 11.20
N GLU A 436 -13.40 -14.60 12.42
CA GLU A 436 -13.33 -13.28 13.03
C GLU A 436 -11.90 -12.78 13.14
N GLU A 437 -10.91 -13.66 13.08
CA GLU A 437 -9.53 -13.24 13.18
C GLU A 437 -9.03 -12.63 11.87
N GLY A 438 -9.48 -13.17 10.74
CA GLY A 438 -9.12 -12.60 9.46
C GLY A 438 -7.78 -13.13 8.95
N ALA A 439 -7.06 -12.26 8.22
CA ALA A 439 -5.78 -12.64 7.64
C ALA A 439 -4.75 -13.01 8.70
N ALA A 440 -4.92 -12.52 9.92
CA ALA A 440 -4.02 -12.93 10.99
C ALA A 440 -4.00 -14.44 11.15
N GLU A 441 -5.14 -15.10 10.93
CA GLU A 441 -5.20 -16.54 11.03
C GLU A 441 -4.34 -17.23 9.98
N VAL A 442 -4.14 -16.58 8.83
CA VAL A 442 -3.35 -17.19 7.77
C VAL A 442 -1.87 -17.02 8.04
N LYS A 443 -1.46 -15.83 8.52
CA LYS A 443 -0.04 -15.61 8.78
C LYS A 443 0.50 -16.58 9.82
N ARG A 444 -0.34 -16.97 10.78
CA ARG A 444 0.08 -17.91 11.81
C ARG A 444 0.16 -19.34 11.32
N HIS A 445 -0.10 -19.58 10.04
CA HIS A 445 -0.08 -20.95 9.53
C HIS A 445 1.37 -21.44 9.43
N PRO A 446 1.62 -22.72 9.77
CA PRO A 446 3.00 -23.23 9.74
C PRO A 446 3.70 -23.03 8.40
N PHE A 447 2.92 -22.84 7.33
CA PHE A 447 3.53 -22.58 6.04
C PHE A 447 4.38 -21.31 6.06
N PHE A 448 3.98 -20.33 6.90
CA PHE A 448 4.76 -19.12 7.10
C PHE A 448 5.56 -19.17 8.40
N ARG A 449 5.95 -20.36 8.83
CA ARG A 449 6.74 -20.49 10.06
C ARG A 449 8.11 -19.85 9.92
N ASN A 450 8.62 -19.70 8.70
CA ASN A 450 9.93 -19.10 8.47
C ASN A 450 9.82 -17.70 7.89
N MET A 451 8.62 -17.13 7.83
CA MET A 451 8.41 -15.80 7.26
C MET A 451 8.24 -14.79 8.38
N ASN A 452 9.13 -13.81 8.44
CA ASN A 452 9.03 -12.70 9.38
C ASN A 452 8.26 -11.60 8.66
N PHE A 453 6.98 -11.42 9.03
CA PHE A 453 6.15 -10.47 8.30
C PHE A 453 6.53 -9.03 8.60
N LYS A 454 7.01 -8.74 9.81
CA LYS A 454 7.39 -7.36 10.11
C LYS A 454 8.52 -6.90 9.20
N ARG A 455 9.47 -7.79 8.89
CA ARG A 455 10.55 -7.43 7.99
C ARG A 455 10.10 -7.40 6.54
N LEU A 456 9.13 -8.25 6.17
CA LEU A 456 8.61 -8.22 4.81
C LEU A 456 7.88 -6.90 4.54
N GLU A 457 6.96 -6.54 5.43
CA GLU A 457 6.21 -5.30 5.27
C GLU A 457 7.14 -4.09 5.23
N ALA A 458 8.32 -4.19 5.83
CA ALA A 458 9.31 -3.12 5.79
C ALA A 458 10.22 -3.19 4.57
N GLY A 459 9.95 -4.13 3.65
CA GLY A 459 10.75 -4.23 2.44
C GLY A 459 12.18 -4.63 2.68
N MET A 460 12.45 -5.39 3.74
CA MET A 460 13.81 -5.78 4.09
C MET A 460 14.17 -7.19 3.63
N LEU A 461 13.22 -7.95 3.08
CA LEU A 461 13.48 -9.28 2.58
C LEU A 461 13.73 -9.19 1.07
N ASP A 462 14.90 -9.62 0.65
CA ASP A 462 15.24 -9.57 -0.77
C ASP A 462 14.28 -10.42 -1.57
N PRO A 463 13.66 -9.89 -2.63
CA PRO A 463 12.84 -10.73 -3.48
C PRO A 463 13.67 -11.86 -4.06
N PRO A 464 13.02 -12.98 -4.41
CA PRO A 464 13.79 -14.11 -4.97
C PRO A 464 14.17 -13.92 -6.42
N PHE A 465 13.47 -13.07 -7.16
CA PHE A 465 13.78 -12.77 -8.55
C PHE A 465 13.76 -11.25 -8.73
N VAL A 466 14.78 -10.74 -9.41
CA VAL A 466 14.94 -9.32 -9.64
C VAL A 466 14.88 -9.07 -11.13
N PRO A 467 13.77 -8.50 -11.63
CA PRO A 467 13.66 -8.20 -13.05
C PRO A 467 14.81 -7.33 -13.53
N ASP A 468 15.30 -7.61 -14.73
CA ASP A 468 16.37 -6.81 -15.31
C ASP A 468 15.79 -5.51 -15.88
N PRO A 469 16.50 -4.39 -15.73
CA PRO A 469 15.91 -3.11 -16.19
C PRO A 469 15.47 -3.13 -17.64
N ARG A 470 16.31 -3.62 -18.56
CA ARG A 470 16.00 -3.62 -19.97
C ARG A 470 15.04 -4.73 -20.38
N ALA A 471 14.69 -5.62 -19.46
CA ALA A 471 13.83 -6.75 -19.79
C ALA A 471 12.49 -6.27 -20.32
N VAL A 472 11.79 -7.17 -21.01
CA VAL A 472 10.46 -6.89 -21.55
C VAL A 472 9.56 -8.09 -21.31
N TYR A 473 9.29 -8.39 -20.04
CA TYR A 473 8.48 -9.55 -19.67
C TYR A 473 7.01 -9.32 -20.00
N CYS A 474 6.59 -9.73 -21.19
CA CYS A 474 5.20 -9.55 -21.61
C CYS A 474 4.63 -10.86 -22.17
N ASN A 490 -24.05 12.78 -25.38
CA ASN A 490 -22.65 13.16 -25.49
C ASN A 490 -22.38 14.45 -24.73
N LEU A 491 -23.37 15.34 -24.69
CA LEU A 491 -23.28 16.59 -23.96
C LEU A 491 -24.27 16.65 -22.79
N ASP A 492 -24.74 15.48 -22.34
CA ASP A 492 -25.70 15.45 -21.25
C ASP A 492 -25.10 16.08 -20.00
N HIS A 493 -25.98 16.60 -19.14
CA HIS A 493 -25.52 17.19 -17.89
C HIS A 493 -25.26 16.14 -16.82
N THR A 494 -25.95 15.00 -16.89
CA THR A 494 -25.67 13.91 -15.96
C THR A 494 -24.24 13.41 -16.11
N ASP A 495 -23.74 13.37 -17.35
CA ASP A 495 -22.35 13.02 -17.58
C ASP A 495 -21.41 13.98 -16.87
N ASP A 496 -21.80 15.26 -16.77
CA ASP A 496 -20.99 16.22 -16.04
C ASP A 496 -21.02 15.93 -14.54
N ASP A 497 -22.12 15.39 -14.03
CA ASP A 497 -22.22 15.10 -12.61
C ASP A 497 -21.36 13.90 -12.23
N PHE A 498 -21.27 12.91 -13.12
CA PHE A 498 -20.43 11.75 -12.85
C PHE A 498 -18.95 12.12 -12.84
N TYR A 499 -18.56 13.15 -13.60
CA TYR A 499 -17.16 13.55 -13.61
C TYR A 499 -16.76 14.20 -12.29
N SER A 500 -17.67 14.93 -11.65
CA SER A 500 -17.35 15.66 -10.43
C SER A 500 -16.79 14.72 -9.36
N LYS A 501 -17.38 13.54 -9.21
CA LYS A 501 -16.95 12.60 -8.19
C LYS A 501 -15.71 11.81 -8.61
N PHE A 502 -15.45 11.72 -9.91
CA PHE A 502 -14.29 10.98 -10.40
C PHE A 502 -13.05 11.85 -10.43
N SER A 503 -13.08 12.93 -11.20
CA SER A 503 -11.94 13.83 -11.32
C SER A 503 -11.74 14.60 -10.04
N THR A 504 -11.45 13.90 -8.94
CA THR A 504 -11.24 14.56 -7.65
C THR A 504 -9.93 15.33 -7.65
N GLY A 505 -8.88 14.76 -8.23
CA GLY A 505 -7.59 15.41 -8.25
C GLY A 505 -6.51 14.53 -7.67
N SER A 506 -5.41 15.13 -7.22
CA SER A 506 -4.29 14.38 -6.69
C SER A 506 -4.65 13.72 -5.36
N VAL A 507 -4.16 12.49 -5.17
CA VAL A 507 -4.35 11.78 -3.91
C VAL A 507 -3.26 12.23 -2.93
N SER A 508 -3.67 12.49 -1.69
CA SER A 508 -2.80 13.17 -0.74
C SER A 508 -1.51 12.39 -0.50
N ILE A 509 -1.62 11.19 0.05
CA ILE A 509 -0.42 10.45 0.44
C ILE A 509 0.47 10.13 -0.76
N PRO A 510 -0.04 9.55 -1.85
CA PRO A 510 0.86 9.26 -2.98
C PRO A 510 1.54 10.51 -3.52
N TRP A 511 0.83 11.64 -3.53
CA TRP A 511 1.42 12.88 -4.03
C TRP A 511 2.60 13.31 -3.17
N GLN A 512 2.43 13.31 -1.85
CA GLN A 512 3.50 13.75 -0.97
C GLN A 512 4.72 12.84 -1.11
N ASN A 513 4.50 11.53 -1.13
CA ASN A 513 5.62 10.61 -1.36
C ASN A 513 6.34 10.94 -2.65
N GLU A 514 5.59 11.24 -3.72
CA GLU A 514 6.23 11.60 -4.99
C GLU A 514 7.17 12.78 -4.82
N MET A 515 6.75 13.79 -4.05
CA MET A 515 7.63 14.93 -3.79
C MET A 515 8.88 14.49 -3.06
N ILE A 516 8.74 13.52 -2.16
CA ILE A 516 9.89 13.04 -1.40
C ILE A 516 10.78 12.15 -2.25
N GLU A 517 10.17 11.24 -3.02
CA GLU A 517 10.95 10.36 -3.88
C GLU A 517 11.82 11.17 -4.85
N THR A 518 11.19 12.05 -5.60
CA THR A 518 11.88 12.84 -6.61
C THR A 518 12.77 13.90 -6.03
N GLU A 519 12.96 13.95 -4.71
CA GLU A 519 13.81 14.94 -4.07
C GLU A 519 13.36 16.37 -4.35
N CYS A 520 12.10 16.55 -4.75
CA CYS A 520 11.56 17.90 -4.88
C CYS A 520 11.33 18.52 -3.51
N PHE A 521 11.11 17.70 -2.48
CA PHE A 521 11.03 18.22 -1.12
C PHE A 521 12.41 18.62 -0.61
N LYS A 522 13.42 17.77 -0.84
CA LYS A 522 14.76 18.07 -0.37
C LYS A 522 15.26 19.39 -0.93
N GLU A 523 14.87 19.74 -2.15
CA GLU A 523 15.34 20.98 -2.77
C GLU A 523 14.48 22.17 -2.41
N LEU A 524 13.16 22.02 -2.42
CA LEU A 524 12.27 23.15 -2.19
C LEU A 524 12.15 23.51 -0.71
N ASN A 525 12.26 22.51 0.17
CA ASN A 525 12.06 22.73 1.61
C ASN A 525 13.30 23.40 2.19
N VAL A 526 13.44 24.69 1.92
CA VAL A 526 14.55 25.50 2.40
C VAL A 526 14.00 26.65 3.21
N PHE A 527 14.71 27.01 4.28
CA PHE A 527 14.30 28.09 5.17
C PHE A 527 15.41 29.13 5.27
N GLY A 528 15.12 30.21 5.98
CA GLY A 528 16.07 31.26 6.19
C GLY A 528 17.30 30.78 6.92
N PRO A 529 18.43 31.46 6.71
CA PRO A 529 19.67 31.03 7.37
C PRO A 529 19.59 31.17 8.88
N ASN A 530 20.13 30.17 9.58
CA ASN A 530 20.19 30.17 11.04
C ASN A 530 18.79 30.22 11.65
N GLY A 531 17.96 29.26 11.25
CA GLY A 531 16.65 29.11 11.85
C GLY A 531 15.82 30.38 11.81
N THR A 532 15.90 31.13 10.72
CA THR A 532 15.12 32.33 10.52
C THR A 532 14.07 32.10 9.44
N LEU A 533 13.02 32.91 9.47
CA LEU A 533 11.92 32.73 8.54
C LEU A 533 12.37 33.07 7.13
N PRO A 534 12.03 32.26 6.13
CA PRO A 534 12.33 32.63 4.75
C PRO A 534 11.35 33.68 4.25
N PRO A 535 11.55 34.19 3.05
CA PRO A 535 10.63 35.23 2.54
C PRO A 535 9.21 34.73 2.37
N ASP A 536 9.03 33.56 1.74
CA ASP A 536 7.70 33.03 1.49
C ASP A 536 6.92 32.74 2.77
N LEU A 537 7.57 32.77 3.93
CA LEU A 537 6.91 32.52 5.20
C LEU A 537 7.01 33.72 6.14
N ASN A 538 6.97 34.93 5.57
CA ASN A 538 7.04 36.17 6.34
C ASN A 538 5.87 37.06 5.93
N ARG A 539 4.90 37.22 6.82
CA ARG A 539 3.70 38.01 6.55
C ARG A 539 3.95 39.50 6.55
N ASN A 540 5.19 39.96 6.65
CA ASN A 540 5.45 41.40 6.62
C ASN A 540 5.55 41.91 5.18
N HIS A 541 6.40 41.30 4.38
CA HIS A 541 6.60 41.71 2.99
C HIS A 541 6.34 40.51 2.07
N PRO A 542 5.23 40.52 1.30
CA PRO A 542 4.95 39.39 0.40
C PRO A 542 5.76 39.43 -0.90
C10 A1AQ7 B . -4.04 -2.22 -14.12
C13 A1AQ7 B . -3.99 -1.62 -12.85
C15 A1AQ7 B . -1.61 -1.25 -13.15
C17 A1AQ7 B . -2.89 -2.31 -14.89
C20 A1AQ7 B . -0.36 -1.78 -14.91
C22 A1AQ7 B . -0.06 -2.27 -16.11
C26 A1AQ7 B . 3.03 -2.63 -18.11
C28 A1AQ7 B . 0.81 -3.82 -18.74
C01 A1AQ7 B . -6.87 -1.81 -19.22
C02 A1AQ7 B . -8.11 -1.23 -18.99
C03 A1AQ7 B . -8.85 -1.63 -17.89
C04 A1AQ7 B . -8.36 -2.59 -17.02
C05 A1AQ7 B . -7.12 -3.15 -17.26
C06 A1AQ7 B . -6.37 -2.76 -18.35
C07 A1AQ7 B . -6.57 -4.22 -16.30
C09 A1AQ7 B . -5.36 -2.75 -14.68
C12 A1AQ7 B . -6.32 -5.51 -17.05
C14 A1AQ7 B . -2.79 -1.14 -12.36
C16 A1AQ7 B . -1.66 -1.82 -14.38
C19 A1AQ7 B . 0.45 -1.17 -13.95
C23 A1AQ7 B . 1.34 -2.24 -16.73
C25 A1AQ7 B . 3.43 -1.79 -17.09
C27 A1AQ7 B . 1.70 -2.93 -17.89
C29 A1AQ7 B . 4.82 -1.19 -16.92
C31 A1AQ7 B . 4.96 -4.02 -18.92
C32 A1AQ7 B . 5.82 -4.51 -20.08
C35 A1AQ7 B . 7.00 -3.90 -20.61
C36 A1AQ7 B . 7.41 -4.74 -21.66
C38 A1AQ7 B . 5.63 -5.65 -20.86
F34 A1AQ7 B . -8.60 -0.29 -19.85
N08 A1AQ7 B . -5.33 -3.71 -15.76
N18 A1AQ7 B . -0.32 -0.86 -12.89
N24 A1AQ7 B . 2.40 -1.58 -16.30
N30 A1AQ7 B . 3.85 -3.12 -19.20
O11 A1AQ7 B . -6.40 -2.38 -14.24
O21 A1AQ7 B . 1.61 -0.95 -14.00
O33 A1AQ7 B . 5.18 -4.36 -17.81
O37 A1AQ7 B . 6.58 -5.74 -21.75
H131 A1AQ7 B . -4.90 -1.53 -12.25
H171 A1AQ7 B . -2.93 -2.77 -15.88
H221 A1AQ7 B . -0.86 -2.72 -16.68
H281 A1AQ7 B . 1.16 -3.80 -19.77
H282 A1AQ7 B . -0.21 -3.48 -18.69
H283 A1AQ7 B . 0.86 -4.85 -18.37
H011 A1AQ7 B . -6.28 -1.49 -20.08
H031 A1AQ7 B . -9.82 -1.18 -17.71
H041 A1AQ7 B . -8.94 -2.89 -16.16
H061 A1AQ7 B . -5.39 -3.20 -18.53
H071 A1AQ7 B . -7.27 -4.41 -15.51
H121 A1AQ7 B . -5.37 -5.44 -17.59
H123 A1AQ7 B . -7.13 -5.67 -17.77
H122 A1AQ7 B . -6.28 -6.34 -16.35
H141 A1AQ7 B . -2.74 -0.68 -11.37
H291 A1AQ7 B . 4.97 -0.91 -15.87
H292 A1AQ7 B . 4.92 -0.31 -17.55
H293 A1AQ7 B . 5.58 -1.91 -17.20
H351 A1AQ7 B . 7.48 -2.99 -20.28
H361 A1AQ7 B . 8.28 -4.58 -22.28
H381 A1AQ7 B . 4.83 -6.37 -20.73
H081 A1AQ7 B . -4.45 -4.02 -16.12
H301 A1AQ7 B . 3.66 -2.84 -20.14
#